data_2Q7G
#
_entry.id   2Q7G
#
_cell.length_a   104.773
_cell.length_b   104.773
_cell.length_c   71.594
_cell.angle_alpha   90.00
_cell.angle_beta   90.00
_cell.angle_gamma   120.00
#
_symmetry.space_group_name_H-M   'P 64'
#
loop_
_entity.id
_entity.type
_entity.pdbx_description
1 polymer 'Pyrrolysyl-tRNA synthetase'
2 non-polymer 'MAGNESIUM ION'
3 non-polymer "ADENOSINE-5'-TRIPHOSPHATE"
4 non-polymer 1,2-ETHANEDIOL
5 non-polymer N~6~-[(CYCLOPENTYLOXY)CARBONYL]-D-LYSINE
6 water water
#
_entity_poly.entity_id   1
_entity_poly.type   'polypeptide(L)'
_entity_poly.pdbx_seq_one_letter_code
;MGSSHHHHHHSSGLVPRGSHMASAPALTKSQTDRLEVLLNPKDEISLNSGKPFRELESELLSRRKKDLQQIYAEERENYL
GKLEREITRFFVDRGFLEIKSPILIPLEYIERMGIDNDTELSKQIFRVDKNFCLRPMLAPNLYNYLRKLDRALPDPIKIF
EIGPCYRKESDGKEHLEEFTMLNFCQMGSGCTRENLESIITDFLNHLGIDFKIVGDSCMVYGDTLDVMHGDLELSSAVVG
PIPLDREWGIDKPWIGAGFGLERLLKVKHDFKNIKRAARSESYYNGISTNL
;
_entity_poly.pdbx_strand_id   A
#
# COMPACT_ATOMS: atom_id res chain seq x y z
N PRO A 25 1.97 35.48 -23.68
CA PRO A 25 3.19 34.72 -23.89
C PRO A 25 3.52 33.79 -22.72
N ALA A 26 3.64 34.36 -21.52
CA ALA A 26 3.91 33.58 -20.31
C ALA A 26 2.72 32.67 -20.00
N LEU A 27 2.98 31.42 -19.67
CA LEU A 27 1.92 30.49 -19.32
C LEU A 27 1.23 30.95 -18.05
N THR A 28 -0.10 30.86 -18.01
CA THR A 28 -0.84 31.13 -16.77
C THR A 28 -0.64 29.99 -15.80
N LYS A 29 -0.94 30.24 -14.53
CA LYS A 29 -0.90 29.15 -13.56
C LYS A 29 -1.85 28.01 -13.95
N SER A 30 -3.04 28.35 -14.43
CA SER A 30 -4.01 27.30 -14.83
C SER A 30 -3.46 26.48 -16.01
N GLN A 31 -2.82 27.16 -16.96
CA GLN A 31 -2.22 26.46 -18.10
C GLN A 31 -1.11 25.53 -17.67
N THR A 32 -0.26 26.01 -16.76
CA THR A 32 0.78 25.17 -16.19
C THR A 32 0.20 23.97 -15.45
N ASP A 33 -0.88 24.18 -14.71
CA ASP A 33 -1.55 23.08 -14.06
C ASP A 33 -1.99 22.00 -15.06
N ARG A 34 -2.57 22.44 -16.17
CA ARG A 34 -3.03 21.55 -17.23
C ARG A 34 -1.86 20.74 -17.82
N LEU A 35 -0.76 21.43 -18.14
CA LEU A 35 0.42 20.76 -18.68
C LEU A 35 1.01 19.76 -17.68
N GLU A 36 1.04 20.14 -16.40
CA GLU A 36 1.54 19.24 -15.37
C GLU A 36 0.70 17.97 -15.23
N VAL A 37 -0.60 18.05 -15.47
CA VAL A 37 -1.43 16.84 -15.55
C VAL A 37 -0.91 15.87 -16.63
N LEU A 38 -0.50 16.44 -17.75
CA LEU A 38 -0.04 15.67 -18.90
C LEU A 38 1.45 15.34 -18.89
N LEU A 39 2.19 15.89 -17.94
CA LEU A 39 3.63 15.67 -17.86
C LEU A 39 3.88 14.36 -17.16
N ASN A 40 4.79 13.55 -17.68
CA ASN A 40 5.19 12.34 -16.98
C ASN A 40 6.61 12.54 -16.41
N PRO A 41 6.97 11.79 -15.35
CA PRO A 41 8.27 11.94 -14.72
C PRO A 41 9.44 11.89 -15.70
N LYS A 42 9.38 10.97 -16.66
CA LYS A 42 10.49 10.76 -17.60
C LYS A 42 10.54 11.77 -18.76
N ASP A 43 9.55 12.66 -18.87
CA ASP A 43 9.58 13.71 -19.90
C ASP A 43 10.78 14.62 -19.68
N GLU A 44 11.30 15.18 -20.77
CA GLU A 44 12.40 16.14 -20.72
C GLU A 44 12.04 17.40 -21.48
N LYS A 51 3.92 28.59 -24.15
CA LYS A 51 5.21 28.71 -24.80
C LYS A 51 5.24 28.13 -26.22
N PRO A 52 4.18 28.32 -27.02
CA PRO A 52 2.81 28.70 -26.65
C PRO A 52 2.08 27.50 -26.03
N PHE A 53 1.14 27.79 -25.15
CA PHE A 53 0.40 26.75 -24.44
C PHE A 53 -0.20 25.70 -25.37
N ARG A 54 -0.90 26.13 -26.42
CA ARG A 54 -1.63 25.16 -27.25
C ARG A 54 -0.70 24.12 -27.91
N GLU A 55 0.50 24.54 -28.28
CA GLU A 55 1.48 23.63 -28.89
C GLU A 55 2.09 22.71 -27.86
N LEU A 56 2.46 23.26 -26.71
CA LEU A 56 2.92 22.44 -25.59
C LEU A 56 1.87 21.39 -25.20
N GLU A 57 0.61 21.83 -25.12
CA GLU A 57 -0.49 20.93 -24.79
C GLU A 57 -0.62 19.86 -25.86
N SER A 58 -0.60 20.25 -27.13
CA SER A 58 -0.73 19.30 -28.22
C SER A 58 0.39 18.25 -28.19
N GLU A 59 1.62 18.70 -27.92
CA GLU A 59 2.76 17.79 -27.83
C GLU A 59 2.57 16.76 -26.74
N LEU A 60 2.21 17.23 -25.55
CA LEU A 60 2.03 16.33 -24.43
C LEU A 60 0.85 15.39 -24.65
N LEU A 61 -0.26 15.89 -25.19
CA LEU A 61 -1.39 15.04 -25.54
C LEU A 61 -0.96 13.88 -26.46
N SER A 62 -0.19 14.21 -27.49
CA SER A 62 0.30 13.18 -28.42
C SER A 62 1.14 12.14 -27.72
N ARG A 63 2.08 12.59 -26.88
CA ARG A 63 2.92 11.71 -26.09
C ARG A 63 2.12 10.78 -25.20
N ARG A 64 1.15 11.33 -24.48
CA ARG A 64 0.39 10.53 -23.54
C ARG A 64 -0.54 9.54 -24.25
N LYS A 65 -1.11 9.94 -25.38
CA LYS A 65 -1.90 9.01 -26.20
C LYS A 65 -1.01 7.84 -26.67
N LYS A 66 0.20 8.16 -27.12
CA LYS A 66 1.14 7.14 -27.55
C LYS A 66 1.53 6.20 -26.41
N ASP A 67 1.71 6.74 -25.20
CA ASP A 67 1.99 5.91 -24.03
C ASP A 67 0.85 4.91 -23.77
N LEU A 68 -0.39 5.37 -23.83
CA LEU A 68 -1.54 4.50 -23.62
C LEU A 68 -1.64 3.45 -24.74
N GLN A 69 -1.40 3.88 -25.97
CA GLN A 69 -1.37 2.99 -27.12
C GLN A 69 -0.32 1.89 -26.94
N GLN A 70 0.86 2.24 -26.43
CA GLN A 70 1.92 1.24 -26.18
CA GLN A 70 1.92 1.26 -26.17
C GLN A 70 1.51 0.26 -25.10
N ILE A 71 0.94 0.75 -23.99
CA ILE A 71 0.44 -0.14 -22.96
C ILE A 71 -0.61 -1.09 -23.55
N TYR A 72 -1.53 -0.53 -24.33
CA TYR A 72 -2.64 -1.31 -24.89
C TYR A 72 -2.11 -2.35 -25.87
N ALA A 73 -1.10 -1.97 -26.65
CA ALA A 73 -0.54 -2.86 -27.67
C ALA A 73 0.25 -4.00 -27.03
N GLU A 74 0.91 -3.72 -25.92
CA GLU A 74 1.88 -4.64 -25.37
C GLU A 74 1.39 -5.32 -24.08
N GLU A 75 1.67 -4.75 -22.93
CA GLU A 75 1.50 -5.49 -21.66
C GLU A 75 0.07 -5.53 -21.10
N ARG A 76 -0.61 -4.38 -21.17
CA ARG A 76 -2.03 -4.26 -20.77
C ARG A 76 -2.32 -4.44 -19.29
N GLU A 77 -1.29 -4.41 -18.44
CA GLU A 77 -1.47 -4.59 -17.02
C GLU A 77 -1.51 -3.27 -16.30
N ASN A 78 -2.39 -3.21 -15.33
CA ASN A 78 -2.51 -2.07 -14.46
C ASN A 78 -1.42 -2.15 -13.39
N TYR A 79 -0.74 -1.04 -13.15
CA TYR A 79 0.34 -0.99 -12.17
C TYR A 79 -0.04 -1.50 -10.78
N LEU A 80 -1.21 -1.10 -10.29
CA LEU A 80 -1.65 -1.48 -8.95
CA LEU A 80 -1.65 -1.48 -8.95
C LEU A 80 -1.98 -2.96 -8.89
N GLY A 81 -2.62 -3.47 -9.93
CA GLY A 81 -2.89 -4.91 -10.02
C GLY A 81 -1.59 -5.69 -10.13
N LYS A 82 -0.69 -5.25 -11.00
CA LYS A 82 0.57 -5.93 -11.27
C LYS A 82 1.44 -5.96 -10.02
N LEU A 83 1.57 -4.82 -9.35
CA LEU A 83 2.31 -4.76 -8.08
C LEU A 83 1.75 -5.76 -7.06
N GLU A 84 0.42 -5.78 -6.90
CA GLU A 84 -0.19 -6.74 -6.00
C GLU A 84 0.24 -8.16 -6.35
N ARG A 85 0.22 -8.48 -7.64
CA ARG A 85 0.60 -9.83 -8.09
C ARG A 85 2.08 -10.13 -7.80
N GLU A 86 2.93 -9.13 -8.01
CA GLU A 86 4.36 -9.30 -7.77
C GLU A 86 4.66 -9.49 -6.27
N ILE A 87 3.99 -8.71 -5.44
CA ILE A 87 4.13 -8.81 -3.99
C ILE A 87 3.58 -10.14 -3.50
N THR A 88 2.45 -10.55 -4.04
CA THR A 88 1.84 -11.85 -3.71
C THR A 88 2.83 -13.00 -3.97
N ARG A 89 3.44 -12.98 -5.15
CA ARG A 89 4.42 -14.00 -5.50
C ARG A 89 5.58 -14.00 -4.52
N PHE A 90 6.07 -12.81 -4.17
CA PHE A 90 7.19 -12.72 -3.23
C PHE A 90 6.88 -13.41 -1.90
N PHE A 91 5.74 -13.07 -1.33
CA PHE A 91 5.42 -13.59 0.01
C PHE A 91 5.00 -15.05 -0.03
N VAL A 92 4.23 -15.44 -1.04
CA VAL A 92 3.90 -16.87 -1.19
C VAL A 92 5.17 -17.71 -1.30
N ASP A 93 6.12 -17.24 -2.12
CA ASP A 93 7.37 -17.95 -2.30
C ASP A 93 8.18 -18.01 -1.02
N ARG A 94 8.00 -17.05 -0.10
CA ARG A 94 8.73 -16.99 1.17
CA ARG A 94 8.77 -17.08 1.16
C ARG A 94 8.01 -17.73 2.30
N GLY A 95 6.93 -18.43 1.97
CA GLY A 95 6.23 -19.28 2.94
C GLY A 95 5.05 -18.64 3.67
N PHE A 96 4.55 -17.52 3.15
CA PHE A 96 3.43 -16.81 3.76
C PHE A 96 2.12 -17.15 3.06
N LEU A 97 1.10 -17.45 3.85
CA LEU A 97 -0.22 -17.79 3.34
C LEU A 97 -0.98 -16.55 2.90
N GLU A 98 -1.51 -16.57 1.67
CA GLU A 98 -2.27 -15.44 1.13
C GLU A 98 -3.68 -15.39 1.70
N ILE A 99 -4.02 -14.28 2.34
CA ILE A 99 -5.34 -14.07 2.94
C ILE A 99 -6.16 -13.10 2.09
N LYS A 100 -7.45 -13.36 1.93
CA LYS A 100 -8.41 -12.39 1.38
C LYS A 100 -9.58 -12.34 2.35
N SER A 101 -9.58 -11.31 3.17
CA SER A 101 -10.55 -11.14 4.24
C SER A 101 -11.48 -9.95 3.93
N PRO A 102 -12.58 -9.81 4.70
CA PRO A 102 -13.54 -8.76 4.41
C PRO A 102 -12.95 -7.35 4.43
N ILE A 103 -13.43 -6.50 3.52
CA ILE A 103 -13.05 -5.10 3.49
C ILE A 103 -14.01 -4.34 4.40
N LEU A 104 -15.29 -4.72 4.33
CA LEU A 104 -16.34 -4.21 5.22
CA LEU A 104 -16.32 -4.19 5.19
C LEU A 104 -16.26 -4.99 6.51
N ILE A 105 -15.89 -4.31 7.61
CA ILE A 105 -15.69 -5.00 8.89
C ILE A 105 -16.57 -4.44 10.00
N PRO A 106 -16.81 -5.25 11.06
CA PRO A 106 -17.56 -4.75 12.21
C PRO A 106 -16.87 -3.53 12.84
N LEU A 107 -17.66 -2.54 13.18
CA LEU A 107 -17.17 -1.36 13.91
C LEU A 107 -16.50 -1.77 15.23
N GLU A 108 -17.03 -2.81 15.89
CA GLU A 108 -16.42 -3.39 17.08
C GLU A 108 -14.92 -3.66 16.95
N TYR A 109 -14.47 -4.05 15.76
CA TYR A 109 -13.04 -4.31 15.53
C TYR A 109 -12.18 -3.06 15.75
N ILE A 110 -12.73 -1.90 15.42
CA ILE A 110 -12.04 -0.61 15.61
C ILE A 110 -11.77 -0.36 17.09
N GLU A 111 -12.81 -0.47 17.90
CA GLU A 111 -12.69 -0.32 19.34
C GLU A 111 -11.72 -1.35 19.90
N ARG A 112 -11.82 -2.58 19.40
CA ARG A 112 -10.98 -3.67 19.90
C ARG A 112 -9.51 -3.52 19.50
N MET A 113 -9.26 -2.69 18.49
CA MET A 113 -7.90 -2.30 18.11
C MET A 113 -7.34 -1.19 18.99
N GLY A 114 -8.09 -0.78 20.00
CA GLY A 114 -7.68 0.29 20.91
C GLY A 114 -7.78 1.67 20.28
N ILE A 115 -8.59 1.78 19.22
CA ILE A 115 -8.75 3.05 18.52
C ILE A 115 -9.88 3.81 19.19
N ASP A 116 -9.51 4.76 20.07
CA ASP A 116 -10.45 5.64 20.74
C ASP A 116 -10.58 6.94 19.96
N LEU A 121 -6.92 8.16 14.42
CA LEU A 121 -7.60 7.26 13.48
C LEU A 121 -9.11 7.21 13.78
N SER A 122 -9.50 7.52 15.02
CA SER A 122 -10.92 7.45 15.41
C SER A 122 -11.84 8.27 14.52
N LYS A 123 -11.37 9.46 14.10
CA LYS A 123 -12.14 10.36 13.27
C LYS A 123 -11.94 10.10 11.76
N GLN A 124 -11.11 9.12 11.44
CA GLN A 124 -10.79 8.80 10.05
C GLN A 124 -11.60 7.63 9.49
N ILE A 125 -12.51 7.07 10.29
CA ILE A 125 -13.21 5.84 9.90
C ILE A 125 -14.41 6.16 9.03
N PHE A 126 -14.51 5.49 7.88
CA PHE A 126 -15.73 5.51 7.07
C PHE A 126 -16.71 4.49 7.62
N ARG A 127 -17.73 4.97 8.31
CA ARG A 127 -18.79 4.10 8.83
C ARG A 127 -19.78 3.73 7.73
N VAL A 128 -20.30 2.51 7.82
CA VAL A 128 -21.28 1.99 6.87
C VAL A 128 -22.39 1.36 7.70
N ASP A 129 -23.62 1.80 7.49
CA ASP A 129 -24.75 1.39 8.35
C ASP A 129 -24.42 1.64 9.83
N LYS A 130 -25.03 0.86 10.73
CA LYS A 130 -24.92 1.12 12.16
C LYS A 130 -23.75 0.35 12.75
N ASN A 131 -23.43 -0.80 12.17
CA ASN A 131 -22.53 -1.76 12.79
C ASN A 131 -21.24 -2.03 12.02
N PHE A 132 -21.05 -1.41 10.86
CA PHE A 132 -19.92 -1.74 10.02
C PHE A 132 -19.16 -0.49 9.60
N CYS A 133 -17.96 -0.73 9.10
CA CYS A 133 -17.10 0.31 8.56
C CYS A 133 -16.23 -0.28 7.49
N LEU A 134 -15.66 0.58 6.66
CA LEU A 134 -14.61 0.17 5.75
C LEU A 134 -13.33 0.08 6.57
N ARG A 135 -12.62 -1.02 6.41
CA ARG A 135 -11.44 -1.27 7.23
C ARG A 135 -10.38 -0.22 6.96
N PRO A 136 -9.86 0.43 8.03
CA PRO A 136 -8.75 1.38 7.86
C PRO A 136 -7.37 0.72 7.87
N MET A 137 -7.32 -0.56 8.20
CA MET A 137 -6.09 -1.32 8.29
C MET A 137 -6.45 -2.81 8.23
N LEU A 138 -5.45 -3.62 8.00
CA LEU A 138 -5.62 -5.06 7.86
C LEU A 138 -5.48 -5.83 9.17
N ALA A 139 -4.94 -5.17 10.18
CA ALA A 139 -4.62 -5.83 11.47
C ALA A 139 -5.75 -6.65 12.12
N PRO A 140 -6.96 -6.09 12.30
CA PRO A 140 -7.97 -6.89 13.04
C PRO A 140 -8.28 -8.25 12.40
N ASN A 141 -8.51 -8.29 11.09
CA ASN A 141 -8.77 -9.56 10.41
C ASN A 141 -7.56 -10.50 10.48
N LEU A 142 -6.34 -9.94 10.37
CA LEU A 142 -5.15 -10.77 10.48
C LEU A 142 -4.95 -11.33 11.88
N TYR A 143 -5.32 -10.55 12.89
CA TYR A 143 -5.30 -11.04 14.28
C TYR A 143 -6.21 -12.26 14.40
N ASN A 144 -7.41 -12.17 13.86
CA ASN A 144 -8.35 -13.29 13.88
C ASN A 144 -7.79 -14.50 13.12
N TYR A 145 -7.20 -14.26 11.96
CA TYR A 145 -6.54 -15.36 11.22
C TYR A 145 -5.41 -16.01 11.99
N LEU A 146 -4.53 -15.22 12.60
CA LEU A 146 -3.46 -15.78 13.41
C LEU A 146 -3.99 -16.69 14.53
N ARG A 147 -5.02 -16.24 15.22
CA ARG A 147 -5.60 -17.00 16.32
C ARG A 147 -6.20 -18.31 15.82
N LYS A 148 -6.98 -18.24 14.75
CA LYS A 148 -7.64 -19.42 14.19
C LYS A 148 -6.63 -20.41 13.60
N LEU A 149 -5.68 -19.89 12.82
CA LEU A 149 -4.69 -20.74 12.15
C LEU A 149 -3.75 -21.41 13.12
N ASP A 150 -3.55 -20.82 14.30
CA ASP A 150 -2.69 -21.43 15.31
C ASP A 150 -3.22 -22.80 15.76
N ARG A 151 -4.51 -23.05 15.55
CA ARG A 151 -5.11 -24.35 15.86
C ARG A 151 -4.81 -25.42 14.78
N ALA A 152 -4.32 -24.99 13.62
CA ALA A 152 -4.14 -25.90 12.49
C ALA A 152 -2.71 -25.98 11.94
N LEU A 153 -1.99 -24.86 11.93
CA LEU A 153 -0.73 -24.80 11.21
C LEU A 153 0.49 -24.93 12.12
N PRO A 154 1.59 -25.49 11.59
CA PRO A 154 2.80 -25.61 12.38
C PRO A 154 3.45 -24.25 12.61
N ASP A 155 4.19 -24.17 13.71
CA ASP A 155 4.93 -22.97 14.06
C ASP A 155 6.15 -22.85 13.16
N PRO A 156 6.46 -21.65 12.64
CA PRO A 156 5.77 -20.38 12.78
C PRO A 156 4.65 -20.22 11.77
N ILE A 157 3.68 -19.37 12.11
CA ILE A 157 2.58 -19.06 11.24
C ILE A 157 2.90 -17.76 10.49
N LYS A 158 2.88 -17.84 9.16
CA LYS A 158 3.28 -16.74 8.31
C LYS A 158 2.13 -16.47 7.35
N ILE A 159 1.58 -15.26 7.42
CA ILE A 159 0.44 -14.89 6.60
C ILE A 159 0.60 -13.45 6.10
N PHE A 160 -0.12 -13.14 5.05
CA PHE A 160 -0.16 -11.79 4.54
C PHE A 160 -1.47 -11.52 3.82
N GLU A 161 -1.81 -10.24 3.74
CA GLU A 161 -2.94 -9.80 2.96
C GLU A 161 -2.55 -8.53 2.22
N ILE A 162 -3.09 -8.42 1.02
CA ILE A 162 -3.06 -7.20 0.24
C ILE A 162 -4.48 -6.84 -0.13
N GLY A 163 -4.88 -5.62 0.15
CA GLY A 163 -6.14 -5.14 -0.35
C GLY A 163 -6.53 -3.75 0.14
N PRO A 164 -7.70 -3.29 -0.32
CA PRO A 164 -8.21 -1.96 -0.06
C PRO A 164 -8.37 -1.67 1.43
N CYS A 165 -7.95 -0.48 1.81
CA CYS A 165 -8.17 0.11 3.12
C CYS A 165 -8.60 1.56 2.90
N TYR A 166 -9.31 2.10 3.89
CA TYR A 166 -9.99 3.39 3.80
C TYR A 166 -9.78 4.25 5.02
N ARG A 167 -9.41 5.51 4.80
CA ARG A 167 -9.28 6.49 5.88
C ARG A 167 -9.66 7.86 5.36
N LYS A 168 -10.45 8.58 6.13
CA LYS A 168 -10.71 9.98 5.84
C LYS A 168 -9.39 10.73 6.09
N GLU A 169 -8.90 11.45 5.07
CA GLU A 169 -7.61 12.14 5.16
C GLU A 169 -7.73 13.60 4.71
N SER A 170 -6.89 14.46 5.27
CA SER A 170 -6.73 15.83 4.76
C SER A 170 -5.99 15.77 3.43
N ASP A 171 -6.22 16.76 2.57
CA ASP A 171 -5.56 16.77 1.26
C ASP A 171 -4.05 16.66 1.46
N GLY A 172 -3.41 15.88 0.60
CA GLY A 172 -1.97 15.69 0.69
C GLY A 172 -1.45 14.82 -0.44
N LYS A 173 -0.21 15.08 -0.83
CA LYS A 173 0.41 14.40 -1.96
C LYS A 173 0.83 12.96 -1.62
N GLU A 174 0.79 12.60 -0.33
CA GLU A 174 1.19 11.27 0.16
C GLU A 174 0.02 10.41 0.68
N HIS A 175 -1.19 10.95 0.73
CA HIS A 175 -2.33 10.22 1.30
C HIS A 175 -3.49 10.10 0.32
N LEU A 176 -4.16 8.96 0.37
CA LEU A 176 -5.39 8.71 -0.36
C LEU A 176 -6.45 8.30 0.66
N GLU A 177 -7.72 8.56 0.36
CA GLU A 177 -8.79 8.06 1.23
C GLU A 177 -9.06 6.58 0.95
N GLU A 178 -8.80 6.17 -0.28
CA GLU A 178 -8.89 4.77 -0.72
C GLU A 178 -7.50 4.32 -1.15
N PHE A 179 -6.92 3.40 -0.38
CA PHE A 179 -5.59 2.92 -0.69
C PHE A 179 -5.53 1.42 -0.57
N THR A 180 -4.34 0.87 -0.78
CA THR A 180 -4.13 -0.57 -0.81
C THR A 180 -2.97 -0.86 0.12
N MET A 181 -3.22 -1.71 1.12
CA MET A 181 -2.20 -2.08 2.07
CA MET A 181 -2.22 -2.11 2.09
C MET A 181 -1.75 -3.51 1.81
N LEU A 182 -0.45 -3.72 2.01
CA LEU A 182 0.14 -5.04 2.24
C LEU A 182 0.39 -5.10 3.74
N ASN A 183 -0.03 -6.18 4.40
CA ASN A 183 0.40 -6.43 5.78
C ASN A 183 0.83 -7.89 5.80
N PHE A 184 2.08 -8.15 6.16
CA PHE A 184 2.55 -9.50 6.41
C PHE A 184 2.84 -9.65 7.89
N CYS A 185 2.74 -10.89 8.38
N CYS A 185 2.76 -10.88 8.38
CA CYS A 185 2.98 -11.18 9.79
CA CYS A 185 3.15 -11.13 9.74
C CYS A 185 3.50 -12.60 9.97
C CYS A 185 3.55 -12.59 9.94
N GLN A 186 4.35 -12.78 10.98
CA GLN A 186 4.79 -14.09 11.41
C GLN A 186 4.54 -14.16 12.90
N MET A 187 4.11 -15.33 13.35
CA MET A 187 3.83 -15.56 14.75
C MET A 187 4.40 -16.91 15.18
N GLY A 188 5.09 -16.89 16.32
CA GLY A 188 5.73 -18.08 16.89
C GLY A 188 7.23 -17.91 16.96
N SER A 189 7.95 -18.91 16.49
N SER A 189 7.94 -18.91 16.45
CA SER A 189 9.41 -18.89 16.49
CA SER A 189 9.40 -18.91 16.42
C SER A 189 9.95 -17.92 15.44
C SER A 189 9.95 -17.89 15.43
N GLY A 190 11.17 -17.44 15.66
CA GLY A 190 11.88 -16.57 14.72
C GLY A 190 11.37 -15.15 14.59
N CYS A 191 10.58 -14.69 15.57
CA CYS A 191 9.95 -13.36 15.51
C CYS A 191 10.83 -12.31 16.14
N THR A 192 11.97 -12.07 15.48
CA THR A 192 12.97 -11.15 15.97
C THR A 192 13.00 -9.92 15.11
N ARG A 193 13.53 -8.84 15.68
CA ARG A 193 13.75 -7.64 14.88
C ARG A 193 14.66 -7.94 13.68
N GLU A 194 15.71 -8.74 13.89
CA GLU A 194 16.58 -9.09 12.78
C GLU A 194 15.82 -9.74 11.62
N ASN A 195 14.94 -10.70 11.94
CA ASN A 195 14.19 -11.38 10.90
CA ASN A 195 14.12 -11.40 10.94
C ASN A 195 13.21 -10.41 10.22
N LEU A 196 12.59 -9.53 10.99
CA LEU A 196 11.67 -8.54 10.41
C LEU A 196 12.41 -7.60 9.45
N GLU A 197 13.56 -7.10 9.87
CA GLU A 197 14.38 -6.24 9.02
C GLU A 197 14.84 -7.00 7.77
N SER A 198 15.13 -8.28 7.91
CA SER A 198 15.58 -9.09 6.77
C SER A 198 14.51 -9.25 5.70
N ILE A 199 13.27 -9.50 6.13
CA ILE A 199 12.13 -9.63 5.22
C ILE A 199 11.90 -8.32 4.51
N ILE A 200 11.88 -7.23 5.27
CA ILE A 200 11.69 -5.90 4.71
C ILE A 200 12.75 -5.58 3.65
N THR A 201 13.99 -5.89 4.00
CA THR A 201 15.15 -5.59 3.15
C THR A 201 15.09 -6.39 1.87
N ASP A 202 14.87 -7.70 2.00
CA ASP A 202 14.75 -8.55 0.82
C ASP A 202 13.60 -8.09 -0.06
N PHE A 203 12.48 -7.74 0.57
CA PHE A 203 11.26 -7.31 -0.12
C PHE A 203 11.49 -6.06 -0.94
N LEU A 204 12.09 -5.03 -0.32
CA LEU A 204 12.27 -3.78 -1.05
C LEU A 204 13.42 -3.84 -2.07
N ASN A 205 14.46 -4.62 -1.79
CA ASN A 205 15.49 -4.87 -2.78
C ASN A 205 14.96 -5.68 -3.98
N HIS A 206 14.01 -6.56 -3.71
CA HIS A 206 13.30 -7.27 -4.78
C HIS A 206 12.52 -6.29 -5.68
N LEU A 207 11.77 -5.38 -5.07
CA LEU A 207 10.98 -4.38 -5.83
C LEU A 207 11.87 -3.31 -6.45
N GLY A 208 13.07 -3.15 -5.93
CA GLY A 208 13.97 -2.11 -6.40
C GLY A 208 13.58 -0.75 -5.86
N ILE A 209 13.24 -0.70 -4.58
CA ILE A 209 12.85 0.55 -3.92
C ILE A 209 13.85 0.88 -2.83
N ASP A 210 14.40 2.09 -2.88
CA ASP A 210 15.39 2.52 -1.91
C ASP A 210 14.71 2.81 -0.59
N PHE A 211 15.37 2.49 0.52
CA PHE A 211 14.76 2.66 1.83
C PHE A 211 15.79 2.80 2.93
N LYS A 212 15.31 3.30 4.07
CA LYS A 212 16.05 3.25 5.33
C LYS A 212 15.09 2.78 6.41
N ILE A 213 15.57 1.89 7.28
CA ILE A 213 14.77 1.43 8.41
C ILE A 213 15.18 2.27 9.60
N VAL A 214 14.21 2.98 10.19
CA VAL A 214 14.46 3.86 11.33
C VAL A 214 13.78 3.26 12.56
N GLY A 215 14.58 2.96 13.58
CA GLY A 215 14.11 2.21 14.75
C GLY A 215 13.89 3.09 15.97
N ASP A 223 11.48 -2.83 18.90
CA ASP A 223 10.05 -2.91 19.13
C ASP A 223 9.24 -2.33 17.95
N THR A 224 9.57 -1.11 17.55
CA THR A 224 8.84 -0.41 16.49
C THR A 224 9.80 0.26 15.50
N LEU A 225 9.47 0.16 14.21
CA LEU A 225 10.35 0.60 13.12
C LEU A 225 9.53 1.22 12.02
N ASP A 226 10.06 2.27 11.42
CA ASP A 226 9.50 2.82 10.20
C ASP A 226 10.48 2.61 9.06
N VAL A 227 9.91 2.30 7.90
CA VAL A 227 10.68 2.09 6.69
C VAL A 227 10.44 3.33 5.85
N MET A 228 11.49 4.11 5.66
CA MET A 228 11.39 5.42 5.05
C MET A 228 12.02 5.46 3.65
N HIS A 229 11.41 6.21 2.77
CA HIS A 229 12.03 6.61 1.51
C HIS A 229 12.14 8.12 1.56
N GLY A 230 13.34 8.62 1.83
CA GLY A 230 13.52 10.03 2.20
C GLY A 230 12.61 10.32 3.38
N ASP A 231 11.73 11.31 3.25
CA ASP A 231 10.77 11.65 4.31
C ASP A 231 9.40 10.98 4.15
N LEU A 232 9.24 10.11 3.16
CA LEU A 232 7.99 9.37 2.97
C LEU A 232 8.04 8.04 3.72
N GLU A 233 7.03 7.80 4.54
CA GLU A 233 6.89 6.52 5.23
C GLU A 233 6.31 5.46 4.29
N LEU A 234 7.10 4.43 3.99
CA LEU A 234 6.61 3.30 3.20
C LEU A 234 5.88 2.31 4.09
N SER A 235 6.38 2.14 5.30
CA SER A 235 5.81 1.15 6.20
C SER A 235 6.05 1.51 7.67
N SER A 236 5.11 1.05 8.50
CA SER A 236 5.32 0.90 9.93
C SER A 236 5.39 -0.59 10.23
N ALA A 237 6.38 -0.96 11.04
CA ALA A 237 6.61 -2.34 11.41
C ALA A 237 6.69 -2.46 12.93
N VAL A 238 6.33 -3.64 13.42
CA VAL A 238 6.26 -3.90 14.84
C VAL A 238 6.85 -5.25 15.17
N VAL A 239 7.62 -5.29 16.26
CA VAL A 239 8.06 -6.53 16.86
C VAL A 239 7.22 -6.71 18.10
N GLY A 240 6.35 -7.71 18.07
CA GLY A 240 5.48 -8.03 19.20
C GLY A 240 6.24 -8.92 20.16
N PRO A 241 5.57 -9.38 21.22
CA PRO A 241 4.17 -9.10 21.56
C PRO A 241 3.92 -7.66 22.02
N ILE A 242 2.66 -7.24 21.92
CA ILE A 242 2.21 -5.95 22.48
C ILE A 242 0.98 -6.23 23.35
N PRO A 243 0.62 -5.30 24.26
CA PRO A 243 -0.51 -5.60 25.16
C PRO A 243 -1.87 -5.75 24.46
N LEU A 244 -2.01 -5.16 23.27
CA LEU A 244 -3.23 -5.34 22.45
C LEU A 244 -3.53 -6.80 22.09
N ASP A 245 -2.49 -7.63 21.96
CA ASP A 245 -2.65 -9.03 21.54
C ASP A 245 -3.70 -9.81 22.34
N ARG A 246 -3.72 -9.59 23.65
CA ARG A 246 -4.63 -10.29 24.56
C ARG A 246 -6.09 -10.12 24.16
N GLU A 247 -6.45 -8.94 23.64
CA GLU A 247 -7.82 -8.69 23.23
C GLU A 247 -8.22 -9.57 22.06
N TRP A 248 -7.22 -10.01 21.29
CA TRP A 248 -7.45 -10.80 20.10
C TRP A 248 -7.14 -12.28 20.30
N GLY A 249 -6.87 -12.67 21.54
CA GLY A 249 -6.58 -14.06 21.88
C GLY A 249 -5.22 -14.52 21.40
N ILE A 250 -4.29 -13.57 21.30
CA ILE A 250 -2.94 -13.87 20.84
C ILE A 250 -2.01 -13.76 22.04
N ASP A 251 -1.19 -14.80 22.25
CA ASP A 251 -0.20 -14.83 23.34
C ASP A 251 1.11 -15.48 22.88
N LYS A 252 1.49 -15.17 21.64
CA LYS A 252 2.76 -15.62 21.09
C LYS A 252 3.56 -14.44 20.56
N PRO A 253 4.89 -14.60 20.44
CA PRO A 253 5.66 -13.55 19.80
C PRO A 253 5.22 -13.39 18.36
N TRP A 254 5.44 -12.21 17.79
CA TRP A 254 5.11 -11.99 16.38
C TRP A 254 5.88 -10.79 15.84
N ILE A 255 5.95 -10.72 14.52
CA ILE A 255 6.52 -9.59 13.83
C ILE A 255 5.63 -9.32 12.64
N GLY A 256 5.56 -8.06 12.23
CA GLY A 256 4.76 -7.73 11.08
C GLY A 256 5.02 -6.33 10.59
N ALA A 257 4.56 -6.06 9.37
CA ALA A 257 4.72 -4.74 8.78
C ALA A 257 3.61 -4.52 7.78
N GLY A 258 3.23 -3.23 7.63
CA GLY A 258 2.23 -2.81 6.69
C GLY A 258 2.80 -1.75 5.77
N PHE A 259 2.59 -1.96 4.48
CA PHE A 259 3.08 -1.09 3.40
C PHE A 259 1.93 -0.59 2.55
N GLY A 260 1.96 0.68 2.16
CA GLY A 260 1.03 1.20 1.14
C GLY A 260 1.52 0.96 -0.27
N LEU A 261 0.73 0.24 -1.06
CA LEU A 261 1.15 -0.08 -2.43
C LEU A 261 1.24 1.17 -3.28
N GLU A 262 0.31 2.11 -3.10
CA GLU A 262 0.34 3.37 -3.89
C GLU A 262 1.59 4.17 -3.56
N ARG A 263 2.02 4.16 -2.30
CA ARG A 263 3.30 4.79 -1.95
C ARG A 263 4.47 4.09 -2.62
N LEU A 264 4.46 2.76 -2.65
CA LEU A 264 5.51 2.02 -3.33
C LEU A 264 5.55 2.42 -4.82
N LEU A 265 4.37 2.48 -5.45
CA LEU A 265 4.29 2.88 -6.86
C LEU A 265 4.79 4.32 -7.08
N LYS A 266 4.39 5.20 -6.17
CA LYS A 266 4.80 6.60 -6.24
C LYS A 266 6.31 6.72 -6.27
N VAL A 267 6.98 5.98 -5.38
CA VAL A 267 8.44 6.01 -5.32
C VAL A 267 9.03 5.34 -6.55
N LYS A 268 8.50 4.19 -6.92
CA LYS A 268 9.07 3.40 -8.01
C LYS A 268 9.00 4.15 -9.33
N HIS A 269 7.88 4.82 -9.57
CA HIS A 269 7.63 5.50 -10.83
C HIS A 269 7.91 7.00 -10.76
N ASP A 270 8.37 7.49 -9.61
CA ASP A 270 8.68 8.90 -9.42
C ASP A 270 7.50 9.83 -9.70
N PHE A 271 6.31 9.42 -9.27
CA PHE A 271 5.14 10.26 -9.37
C PHE A 271 5.25 11.41 -8.35
N LYS A 272 4.91 12.62 -8.76
CA LYS A 272 4.94 13.78 -7.85
C LYS A 272 3.79 13.70 -6.84
N ASN A 273 2.69 13.10 -7.25
CA ASN A 273 1.50 13.02 -6.42
C ASN A 273 0.98 11.59 -6.41
N ILE A 274 0.67 11.10 -5.23
CA ILE A 274 0.21 9.73 -5.05
C ILE A 274 -1.10 9.44 -5.82
N LYS A 275 -1.85 10.48 -6.18
CA LYS A 275 -3.05 10.32 -7.02
C LYS A 275 -2.78 9.58 -8.33
N ARG A 276 -1.57 9.71 -8.86
CA ARG A 276 -1.18 8.99 -10.06
C ARG A 276 -1.06 7.48 -9.89
N ALA A 277 -0.92 7.04 -8.64
CA ALA A 277 -0.78 5.63 -8.31
C ALA A 277 -2.09 4.99 -7.80
N ALA A 278 -3.14 5.80 -7.65
CA ALA A 278 -4.37 5.34 -7.01
C ALA A 278 -5.29 4.62 -7.98
N ARG A 279 -6.20 3.83 -7.43
CA ARG A 279 -7.47 3.53 -8.13
C ARG A 279 -8.06 4.83 -8.57
N SER A 280 -8.34 4.97 -9.86
CA SER A 280 -8.66 6.27 -10.38
C SER A 280 -9.38 6.18 -11.71
N GLU A 281 -10.18 7.19 -11.99
CA GLU A 281 -10.72 7.41 -13.33
C GLU A 281 -9.93 8.47 -14.08
N SER A 282 -8.97 9.11 -13.39
CA SER A 282 -8.24 10.29 -13.87
C SER A 282 -6.83 9.97 -14.36
N TYR A 283 -6.28 8.86 -13.86
CA TYR A 283 -4.96 8.39 -14.22
C TYR A 283 -4.98 6.87 -14.41
N TYR A 284 -4.27 6.44 -15.44
CA TYR A 284 -4.06 5.03 -15.74
C TYR A 284 -2.56 4.80 -15.82
N ASN A 285 -2.02 4.02 -14.87
CA ASN A 285 -0.58 3.79 -14.81
C ASN A 285 0.19 5.10 -14.83
N GLY A 286 -0.34 6.08 -14.11
CA GLY A 286 0.30 7.40 -14.04
C GLY A 286 0.08 8.32 -15.23
N ILE A 287 -0.68 7.87 -16.23
CA ILE A 287 -0.96 8.63 -17.43
C ILE A 287 -2.36 9.22 -17.32
N SER A 288 -2.46 10.53 -17.54
CA SER A 288 -3.75 11.21 -17.55
C SER A 288 -4.68 10.54 -18.54
N THR A 289 -5.90 10.27 -18.10
CA THR A 289 -6.97 9.78 -18.96
C THR A 289 -7.82 10.91 -19.52
N ASN A 290 -7.50 12.15 -19.16
CA ASN A 290 -8.23 13.31 -19.64
C ASN A 290 -7.49 13.94 -20.82
N LEU A 291 -7.63 13.31 -21.98
CA LEU A 291 -6.81 13.63 -23.15
C LEU A 291 -7.62 14.27 -24.27
#